data_4PKE
#
_entry.id   4PKE
#
_cell.length_a   72.588
_cell.length_b   72.588
_cell.length_c   241.551
_cell.angle_alpha   90.00
_cell.angle_beta   90.00
_cell.angle_gamma   120.00
#
_symmetry.space_group_name_H-M   'H 3 2'
#
loop_
_entity.id
_entity.type
_entity.pdbx_description
1 polymer 'Protein C10C5.1, isoform i'
2 non-polymer 'PLATINUM (II) ION'
3 water water
#
_entity_poly.entity_id   1
_entity_poly.type   'polypeptide(L)'
_entity_poly.pdbx_seq_one_letter_code
;MSLLNQIGTISMPEKVTLRISIEGYPPLYEMEAQGSNHDNAELGMIKPDQLASLNQALTDSYTTRDTNSILRSRMSVSYL
KGYTYEDILIVRFRPESEIYWPISQDSRNAMIDKLSRNTSVNFEVSLEFTRPYDPNENAALKHSKSWLVPISLDMTIRAK
IQSALRGDPGHPILIPQSIPAFIQVPNQGELTLPTSIGNTIINDGNPRINTTGMEKSDEARAWFDSLTLNLEQGKSQNEK
MWIATSEHPGDQNAKLWIKTANTTYSGRPYLQVVGFIDRAFPSLEHHHHHH
;
_entity_poly.pdbx_strand_id   A
#
loop_
_chem_comp.id
_chem_comp.type
_chem_comp.name
_chem_comp.formula
PT non-polymer 'PLATINUM (II) ION' 'Pt 2'
#
# COMPACT_ATOMS: atom_id res chain seq x y z
N GLU A 14 4.87 -7.41 -17.88
CA GLU A 14 4.32 -7.52 -16.54
C GLU A 14 3.97 -6.09 -16.09
N LYS A 15 2.86 -5.94 -15.36
CA LYS A 15 2.38 -4.62 -14.98
C LYS A 15 1.71 -4.67 -13.61
N VAL A 16 2.07 -3.78 -12.71
CA VAL A 16 1.35 -3.72 -11.43
C VAL A 16 0.92 -2.30 -11.11
N THR A 17 -0.33 -2.15 -10.70
CA THR A 17 -0.83 -0.85 -10.28
C THR A 17 -1.33 -0.96 -8.84
N LEU A 18 -1.13 0.10 -8.08
CA LEU A 18 -1.63 0.16 -6.73
C LEU A 18 -2.44 1.43 -6.62
N ARG A 19 -3.61 1.34 -5.99
CA ARG A 19 -4.47 2.49 -5.81
C ARG A 19 -5.00 2.53 -4.39
N ILE A 20 -4.95 3.69 -3.77
CA ILE A 20 -5.33 3.83 -2.37
C ILE A 20 -6.30 4.98 -2.28
N SER A 21 -7.49 4.72 -1.73
CA SER A 21 -8.52 5.73 -1.69
C SER A 21 -9.50 5.56 -0.54
N ILE A 22 -10.28 6.62 -0.31
CA ILE A 22 -11.51 6.51 0.46
C ILE A 22 -12.54 6.03 -0.55
N GLU A 23 -13.25 4.95 -0.24
CA GLU A 23 -14.15 4.33 -1.21
C GLU A 23 -15.22 5.32 -1.66
N GLY A 24 -15.45 5.37 -2.97
CA GLY A 24 -16.44 6.29 -3.52
C GLY A 24 -15.81 7.47 -4.24
N TYR A 25 -14.56 7.75 -3.94
CA TYR A 25 -13.93 9.00 -4.40
C TYR A 25 -12.58 8.78 -5.11
N PRO A 26 -12.15 9.77 -5.92
CA PRO A 26 -10.88 9.69 -6.65
C PRO A 26 -9.68 9.42 -5.75
N PRO A 27 -8.88 8.41 -6.08
CA PRO A 27 -7.82 7.88 -5.21
C PRO A 27 -6.92 8.97 -4.63
N LEU A 28 -6.50 8.82 -3.38
CA LEU A 28 -5.46 9.69 -2.83
C LEU A 28 -4.13 9.40 -3.52
N TYR A 29 -3.92 8.14 -3.90
CA TYR A 29 -2.62 7.70 -4.38
C TYR A 29 -2.75 6.67 -5.50
N GLU A 30 -2.09 6.96 -6.63
CA GLU A 30 -2.00 6.00 -7.72
C GLU A 30 -0.54 5.81 -8.12
N MET A 31 -0.13 4.56 -8.23
CA MET A 31 1.22 4.29 -8.70
C MET A 31 1.25 3.08 -9.62
N GLU A 32 2.17 3.12 -10.58
CA GLU A 32 2.33 2.04 -11.52
C GLU A 32 3.74 1.49 -11.38
N ALA A 33 3.88 0.17 -11.46
CA ALA A 33 5.21 -0.45 -11.48
C ALA A 33 5.47 -1.09 -12.84
N GLN A 34 6.63 -0.79 -13.42
CA GLN A 34 7.01 -1.30 -14.73
C GLN A 34 8.47 -0.97 -15.03
N ASP A 39 9.91 -3.80 -11.96
CA ASP A 39 10.02 -4.09 -10.53
C ASP A 39 10.11 -2.86 -9.56
N ASN A 40 11.00 -1.88 -9.80
CA ASN A 40 11.77 -1.76 -11.02
C ASN A 40 13.24 -1.38 -10.80
N ALA A 41 14.14 -1.67 -11.75
CA ALA A 41 13.87 -2.58 -12.88
C ALA A 41 15.15 -3.26 -13.37
N GLU A 42 15.23 -4.56 -13.10
CA GLU A 42 16.40 -5.38 -13.40
C GLU A 42 15.98 -6.74 -13.98
N LEU A 43 16.90 -7.45 -14.63
CA LEU A 43 16.54 -8.69 -15.33
C LEU A 43 15.98 -9.78 -14.41
N GLY A 44 16.64 -9.96 -13.27
CA GLY A 44 16.20 -10.89 -12.24
C GLY A 44 14.98 -10.43 -11.45
N MET A 45 14.09 -11.38 -11.18
CA MET A 45 12.92 -11.13 -10.35
C MET A 45 13.29 -10.80 -8.90
N ILE A 46 14.20 -11.56 -8.30
CA ILE A 46 14.57 -11.38 -6.91
C ILE A 46 16.03 -11.73 -6.59
N LYS A 47 16.59 -11.06 -5.59
CA LYS A 47 17.96 -11.25 -5.15
C LYS A 47 17.99 -12.68 -4.65
N PRO A 48 19.09 -13.41 -4.90
CA PRO A 48 19.01 -14.85 -4.66
C PRO A 48 19.48 -15.24 -3.26
N ASP A 49 19.99 -14.27 -2.51
CA ASP A 49 20.17 -14.42 -1.08
C ASP A 49 18.83 -14.19 -0.38
N GLN A 50 18.01 -13.32 -0.97
CA GLN A 50 16.76 -12.89 -0.33
C GLN A 50 15.74 -13.99 -0.09
N LEU A 51 15.78 -15.04 -0.90
CA LEU A 51 14.90 -16.18 -0.65
C LEU A 51 15.49 -17.14 0.37
N ALA A 52 16.81 -17.16 0.48
CA ALA A 52 17.46 -18.03 1.45
C ALA A 52 17.39 -17.41 2.84
N SER A 53 17.36 -16.08 2.88
CA SER A 53 17.19 -15.37 4.14
C SER A 53 15.72 -15.32 4.55
N LEU A 54 14.83 -15.29 3.56
CA LEU A 54 13.41 -15.41 3.83
C LEU A 54 13.01 -16.83 4.26
N ASN A 55 13.42 -17.83 3.49
CA ASN A 55 13.11 -19.23 3.78
C ASN A 55 13.59 -19.68 5.14
N GLN A 56 14.73 -19.15 5.54
CA GLN A 56 15.33 -19.48 6.81
C GLN A 56 14.60 -18.77 7.94
N ALA A 57 14.18 -17.53 7.71
CA ALA A 57 13.46 -16.77 8.74
C ALA A 57 12.11 -17.36 9.19
N LEU A 58 11.39 -18.07 8.32
CA LEU A 58 10.15 -18.72 8.74
C LEU A 58 10.38 -19.73 9.88
N THR A 59 11.48 -20.45 9.79
CA THR A 59 11.92 -21.38 10.82
C THR A 59 12.26 -20.66 12.12
N LYS A 81 6.03 -21.63 -1.31
CA LYS A 81 7.02 -22.19 -0.42
C LYS A 81 8.04 -23.05 -1.18
N GLY A 82 7.55 -23.80 -2.15
CA GLY A 82 8.41 -24.55 -3.05
C GLY A 82 8.84 -23.74 -4.26
N TYR A 83 8.55 -22.45 -4.24
CA TYR A 83 8.85 -21.60 -5.39
C TYR A 83 10.31 -21.17 -5.49
N THR A 84 10.74 -20.94 -6.72
CA THR A 84 12.13 -20.62 -7.06
C THR A 84 12.30 -19.14 -7.35
N TYR A 85 13.54 -18.69 -7.54
CA TYR A 85 13.82 -17.28 -7.79
C TYR A 85 13.08 -16.69 -8.99
N GLU A 86 12.82 -17.52 -10.01
CA GLU A 86 12.09 -17.05 -11.19
C GLU A 86 10.58 -16.91 -10.93
N ASP A 87 10.15 -17.28 -9.72
CA ASP A 87 8.74 -17.21 -9.36
C ASP A 87 8.42 -16.03 -8.45
N ILE A 88 9.43 -15.46 -7.82
CA ILE A 88 9.22 -14.42 -6.83
C ILE A 88 9.51 -13.03 -7.37
N LEU A 89 8.49 -12.19 -7.46
CA LEU A 89 8.67 -10.82 -7.91
C LEU A 89 8.68 -9.83 -6.78
N ILE A 90 9.70 -8.99 -6.74
CA ILE A 90 9.73 -7.86 -5.83
C ILE A 90 9.20 -6.64 -6.54
N VAL A 91 7.99 -6.22 -6.15
CA VAL A 91 7.38 -5.05 -6.77
C VAL A 91 7.62 -3.83 -5.90
N ARG A 92 8.01 -2.74 -6.54
CA ARG A 92 8.36 -1.53 -5.81
C ARG A 92 7.62 -0.32 -6.37
N PHE A 93 6.88 0.33 -5.49
CA PHE A 93 6.06 1.45 -5.87
C PHE A 93 6.72 2.73 -5.38
N ARG A 94 6.88 3.69 -6.29
CA ARG A 94 7.28 5.02 -5.87
C ARG A 94 6.18 5.51 -4.97
N PRO A 95 6.55 6.13 -3.85
CA PRO A 95 5.60 6.44 -2.78
C PRO A 95 4.91 7.78 -2.99
N GLU A 96 5.39 8.58 -3.93
CA GLU A 96 4.68 9.79 -4.29
C GLU A 96 3.71 9.42 -5.42
N SER A 97 2.45 9.85 -5.30
CA SER A 97 1.43 9.53 -6.29
C SER A 97 1.93 9.97 -7.68
N GLU A 98 1.56 9.24 -8.72
CA GLU A 98 2.14 9.50 -10.03
C GLU A 98 1.48 10.65 -10.79
N ILE A 99 0.30 11.05 -10.32
CA ILE A 99 -0.35 12.24 -10.87
C ILE A 99 -0.89 13.07 -9.70
N TYR A 100 -1.14 14.34 -9.96
CA TYR A 100 -1.71 15.22 -8.95
C TYR A 100 -3.13 14.78 -8.62
N TRP A 101 -3.56 15.06 -7.38
CA TRP A 101 -4.88 14.63 -6.95
C TRP A 101 -5.87 15.52 -7.68
N PRO A 102 -6.72 14.90 -8.51
CA PRO A 102 -7.54 15.68 -9.44
C PRO A 102 -8.92 15.97 -8.86
N ILE A 103 -9.15 15.61 -7.60
CA ILE A 103 -10.47 15.70 -6.99
C ILE A 103 -10.98 17.14 -7.00
N SER A 104 -12.27 17.31 -7.26
CA SER A 104 -12.90 18.62 -7.16
C SER A 104 -13.04 19.00 -5.70
N GLN A 105 -13.07 20.30 -5.42
CA GLN A 105 -13.23 20.78 -4.05
C GLN A 105 -14.53 20.28 -3.43
N ASP A 106 -15.59 20.27 -4.23
CA ASP A 106 -16.91 19.83 -3.79
C ASP A 106 -16.99 18.34 -3.44
N SER A 107 -16.37 17.50 -4.27
CA SER A 107 -16.27 16.07 -3.98
C SER A 107 -15.40 15.85 -2.75
N ARG A 108 -14.36 16.65 -2.62
CA ARG A 108 -13.49 16.60 -1.46
C ARG A 108 -14.26 17.00 -0.19
N ASN A 109 -15.09 18.05 -0.30
CA ASN A 109 -15.91 18.49 0.83
C ASN A 109 -16.92 17.40 1.21
N ALA A 110 -17.49 16.77 0.19
CA ALA A 110 -18.48 15.71 0.40
C ALA A 110 -17.87 14.53 1.14
N MET A 111 -16.63 14.22 0.79
CA MET A 111 -15.89 13.11 1.38
C MET A 111 -15.66 13.34 2.86
N ILE A 112 -15.27 14.56 3.20
CA ILE A 112 -15.01 14.95 4.58
C ILE A 112 -16.29 14.91 5.41
N ASP A 113 -17.38 15.41 4.83
CA ASP A 113 -18.67 15.45 5.51
C ASP A 113 -19.15 14.03 5.84
N LYS A 114 -18.87 13.09 4.94
CA LYS A 114 -19.34 11.71 5.12
C LYS A 114 -18.74 11.14 6.41
N LEU A 115 -17.49 11.53 6.67
CA LEU A 115 -16.80 11.16 7.90
C LEU A 115 -17.45 11.79 9.15
N SER A 116 -18.11 12.93 8.96
CA SER A 116 -18.78 13.66 10.05
C SER A 116 -19.92 12.86 10.68
N ARG A 117 -20.55 12.01 9.87
CA ARG A 117 -21.59 11.13 10.40
C ARG A 117 -21.03 9.73 10.66
N ASN A 118 -21.37 8.72 9.85
CA ASN A 118 -20.86 7.36 10.11
C ASN A 118 -20.67 6.41 8.90
N THR A 119 -19.90 5.35 9.14
CA THR A 119 -19.70 4.22 8.22
C THR A 119 -19.02 4.44 6.85
N SER A 120 -17.72 4.73 6.86
CA SER A 120 -16.95 4.78 5.60
C SER A 120 -15.73 3.85 5.65
N VAL A 121 -15.31 3.37 4.48
CA VAL A 121 -14.20 2.41 4.40
C VAL A 121 -13.03 2.85 3.53
N ASN A 122 -11.82 2.55 3.98
CA ASN A 122 -10.61 2.82 3.21
C ASN A 122 -10.58 1.76 2.12
N PHE A 123 -9.90 2.06 1.02
CA PHE A 123 -9.93 1.18 -0.14
C PHE A 123 -8.50 1.09 -0.66
N GLU A 124 -8.07 -0.11 -1.02
CA GLU A 124 -6.96 -0.20 -1.96
C GLU A 124 -6.90 -1.48 -2.78
N VAL A 125 -6.18 -1.38 -3.90
CA VAL A 125 -6.28 -2.36 -4.97
C VAL A 125 -4.89 -2.65 -5.55
N SER A 126 -4.68 -3.89 -5.95
CA SER A 126 -3.45 -4.33 -6.61
C SER A 126 -3.88 -4.93 -7.95
N LEU A 127 -3.22 -4.58 -9.05
CA LEU A 127 -3.60 -5.14 -10.34
C LEU A 127 -2.41 -5.68 -11.14
N GLU A 128 -2.43 -6.97 -11.50
CA GLU A 128 -1.52 -7.48 -12.52
C GLU A 128 -2.32 -8.16 -13.63
N PHE A 129 -1.86 -8.08 -14.88
CA PHE A 129 -0.71 -7.26 -15.23
C PHE A 129 -0.99 -6.48 -16.51
N LYS A 142 -5.78 -7.94 -15.00
CA LYS A 142 -6.13 -9.34 -15.23
C LYS A 142 -6.34 -10.05 -13.90
N HIS A 143 -5.40 -9.88 -12.97
CA HIS A 143 -5.53 -10.45 -11.64
C HIS A 143 -5.51 -9.30 -10.65
N SER A 144 -6.59 -9.17 -9.88
CA SER A 144 -6.74 -8.01 -9.00
C SER A 144 -7.26 -8.44 -7.65
N LYS A 145 -7.06 -7.59 -6.65
CA LYS A 145 -7.73 -7.77 -5.38
C LYS A 145 -7.98 -6.37 -4.87
N SER A 146 -9.06 -6.21 -4.11
CA SER A 146 -9.28 -4.96 -3.41
C SER A 146 -9.62 -5.22 -1.97
N TRP A 147 -9.02 -4.44 -1.07
CA TRP A 147 -9.22 -4.70 0.34
C TRP A 147 -9.97 -3.52 0.93
N LEU A 148 -11.00 -3.80 1.72
CA LEU A 148 -11.73 -2.73 2.40
C LEU A 148 -11.37 -2.71 3.87
N VAL A 149 -10.99 -1.54 4.36
CA VAL A 149 -10.61 -1.38 5.76
C VAL A 149 -11.50 -0.32 6.36
N PRO A 150 -12.34 -0.72 7.33
CA PRO A 150 -13.28 0.18 8.00
C PRO A 150 -12.56 1.30 8.75
N ILE A 151 -13.02 2.53 8.55
CA ILE A 151 -12.51 3.67 9.32
C ILE A 151 -13.27 3.72 10.64
N SER A 152 -12.52 3.72 11.74
CA SER A 152 -13.10 3.65 13.08
C SER A 152 -14.21 4.68 13.30
N LEU A 153 -15.21 4.29 14.07
CA LEU A 153 -16.27 5.21 14.42
C LEU A 153 -15.81 6.17 15.51
N ASP A 154 -14.65 5.88 16.09
CA ASP A 154 -14.01 6.77 17.05
C ASP A 154 -13.82 8.13 16.39
N MET A 155 -14.46 9.14 16.98
CA MET A 155 -14.52 10.50 16.45
C MET A 155 -13.22 11.31 16.54
N THR A 156 -12.41 11.08 17.58
CA THR A 156 -11.14 11.81 17.71
C THR A 156 -10.14 11.43 16.61
N ILE A 157 -10.31 10.23 16.06
CA ILE A 157 -9.51 9.84 14.90
C ILE A 157 -10.20 10.16 13.56
N ARG A 158 -11.52 10.07 13.51
CA ARG A 158 -12.24 10.50 12.30
C ARG A 158 -11.98 11.98 12.06
N ALA A 159 -11.85 12.72 13.16
CA ALA A 159 -11.46 14.12 13.08
C ALA A 159 -10.01 14.29 12.60
N LYS A 160 -9.19 13.27 12.81
CA LYS A 160 -7.81 13.33 12.37
C LYS A 160 -7.72 13.14 10.87
N ILE A 161 -8.47 12.15 10.37
CA ILE A 161 -8.59 11.93 8.94
C ILE A 161 -9.15 13.17 8.25
N GLN A 162 -10.22 13.72 8.82
CA GLN A 162 -10.89 14.88 8.24
C GLN A 162 -9.90 16.02 8.07
N SER A 163 -9.06 16.21 9.08
CA SER A 163 -8.10 17.30 9.11
C SER A 163 -7.00 17.05 8.07
N ALA A 164 -6.60 15.79 7.96
CA ALA A 164 -5.59 15.39 6.99
C ALA A 164 -6.09 15.65 5.59
N LEU A 165 -7.31 15.19 5.33
CA LEU A 165 -7.99 15.43 4.06
C LEU A 165 -8.11 16.93 3.74
N ARG A 166 -8.22 17.76 4.78
CA ARG A 166 -8.27 19.21 4.56
C ARG A 166 -6.88 19.75 4.24
N GLY A 167 -5.86 18.96 4.53
CA GLY A 167 -4.48 19.33 4.24
C GLY A 167 -3.68 19.97 5.38
N ASP A 168 -4.17 19.87 6.60
CA ASP A 168 -3.49 20.49 7.74
C ASP A 168 -2.09 19.92 7.94
N PRO A 169 -1.11 20.78 8.26
CA PRO A 169 0.23 20.28 8.55
C PRO A 169 0.21 19.40 9.79
N GLY A 170 0.94 18.27 9.74
CA GLY A 170 1.07 17.40 10.90
C GLY A 170 -0.06 16.39 11.07
N HIS A 171 -0.67 15.99 9.95
CA HIS A 171 -1.81 15.08 10.01
C HIS A 171 -1.71 14.00 8.95
N PRO A 172 -1.19 12.84 9.34
CA PRO A 172 -1.09 11.68 8.45
C PRO A 172 -2.41 10.91 8.48
N ILE A 173 -2.61 10.03 7.52
CA ILE A 173 -3.78 9.18 7.53
C ILE A 173 -3.30 7.76 7.72
N LEU A 174 -3.52 7.23 8.91
CA LEU A 174 -3.09 5.89 9.22
C LEU A 174 -4.17 4.96 8.69
N ILE A 175 -3.76 4.05 7.82
CA ILE A 175 -4.65 3.01 7.37
C ILE A 175 -4.02 1.69 7.82
N PRO A 176 -4.39 1.26 9.03
CA PRO A 176 -3.72 0.15 9.72
C PRO A 176 -4.04 -1.20 9.10
N GLN A 177 -3.04 -2.07 9.03
CA GLN A 177 -3.22 -3.44 8.57
C GLN A 177 -3.98 -3.47 7.25
N SER A 178 -3.45 -2.80 6.23
CA SER A 178 -4.25 -2.58 5.04
C SER A 178 -3.62 -3.05 3.74
N ILE A 179 -2.32 -3.28 3.74
CA ILE A 179 -1.67 -3.80 2.54
C ILE A 179 -0.72 -4.94 2.87
N PRO A 180 -0.90 -6.08 2.17
CA PRO A 180 -0.05 -7.26 2.38
C PRO A 180 1.36 -7.07 1.81
N ALA A 181 2.36 -7.41 2.62
CA ALA A 181 3.74 -7.38 2.15
C ALA A 181 3.94 -8.49 1.13
N PHE A 182 3.14 -9.54 1.27
CA PHE A 182 3.21 -10.68 0.38
C PHE A 182 1.85 -10.92 -0.28
N ILE A 183 1.86 -11.24 -1.56
CA ILE A 183 0.61 -11.54 -2.26
C ILE A 183 0.88 -12.68 -3.24
N GLN A 184 -0.16 -13.45 -3.56
CA GLN A 184 0.02 -14.50 -4.55
C GLN A 184 -0.86 -14.28 -5.76
N VAL A 185 -0.23 -14.36 -6.93
CA VAL A 185 -0.89 -14.14 -8.20
C VAL A 185 -0.96 -15.45 -8.97
N PRO A 186 -2.18 -15.88 -9.31
CA PRO A 186 -2.41 -17.15 -9.99
C PRO A 186 -2.81 -17.01 -11.45
N ASN A 187 -2.87 -18.13 -12.16
CA ASN A 187 -3.24 -18.13 -13.58
C ASN A 187 -4.66 -17.64 -13.87
N GLN A 188 -5.61 -18.03 -13.03
CA GLN A 188 -7.00 -17.57 -13.17
C GLN A 188 -7.52 -17.00 -11.86
N GLY A 189 -8.39 -15.99 -11.95
CA GLY A 189 -9.03 -15.44 -10.76
C GLY A 189 -8.26 -14.35 -10.06
N GLU A 190 -8.88 -13.79 -9.01
CA GLU A 190 -8.29 -12.69 -8.27
C GLU A 190 -7.11 -13.15 -7.40
N LEU A 191 -6.23 -12.21 -7.05
CA LEU A 191 -5.06 -12.50 -6.23
C LEU A 191 -5.45 -13.14 -4.90
N THR A 192 -4.51 -13.88 -4.31
CA THR A 192 -4.75 -14.52 -3.02
C THR A 192 -3.64 -14.25 -1.99
N LEU A 193 -3.98 -14.46 -0.72
CA LEU A 193 -3.03 -14.34 0.38
C LEU A 193 -2.33 -15.66 0.68
N PRO A 194 -1.01 -15.61 0.94
CA PRO A 194 -0.28 -16.79 1.42
C PRO A 194 -0.54 -16.96 2.91
N THR A 195 -1.69 -17.56 3.24
CA THR A 195 -2.15 -17.68 4.63
C THR A 195 -1.12 -18.34 5.54
N SER A 196 -0.33 -19.25 4.96
CA SER A 196 0.79 -19.87 5.65
C SER A 196 1.78 -18.85 6.23
N ILE A 197 2.20 -17.91 5.38
CA ILE A 197 3.12 -16.84 5.80
C ILE A 197 2.47 -15.94 6.85
N GLY A 198 1.19 -15.64 6.64
CA GLY A 198 0.45 -14.80 7.55
C GLY A 198 0.37 -15.38 8.94
N ASN A 199 -0.17 -16.59 9.05
CA ASN A 199 -0.39 -17.23 10.35
C ASN A 199 0.89 -17.36 11.20
N THR A 200 2.05 -17.30 10.55
CA THR A 200 3.34 -17.39 11.25
C THR A 200 3.74 -16.05 11.88
N ILE A 201 3.48 -14.97 11.15
CA ILE A 201 3.87 -13.62 11.54
C ILE A 201 3.52 -13.30 13.00
N ILE A 202 2.25 -13.42 13.36
CA ILE A 202 1.88 -13.32 14.78
C ILE A 202 1.86 -14.71 15.42
N ALA A 220 -9.01 -6.82 4.85
CA ALA A 220 -7.89 -6.60 5.76
C ALA A 220 -7.50 -7.89 6.48
N ARG A 221 -6.23 -7.99 6.89
CA ARG A 221 -5.77 -9.11 7.70
C ARG A 221 -4.66 -8.73 8.70
N ALA A 222 -4.58 -9.51 9.78
CA ALA A 222 -3.73 -9.18 10.93
C ALA A 222 -2.24 -8.97 10.64
N TRP A 223 -1.73 -9.66 9.62
CA TRP A 223 -0.30 -9.63 9.31
C TRP A 223 0.04 -8.58 8.27
N PHE A 224 -0.98 -7.87 7.79
CA PHE A 224 -0.80 -6.86 6.74
C PHE A 224 0.09 -5.72 7.20
N ASP A 225 0.74 -5.06 6.25
CA ASP A 225 1.47 -3.85 6.57
C ASP A 225 0.45 -2.75 6.82
N SER A 226 0.88 -1.70 7.52
CA SER A 226 0.06 -0.53 7.73
C SER A 226 0.48 0.59 6.80
N LEU A 227 -0.47 1.42 6.40
CA LEU A 227 -0.18 2.52 5.50
C LEU A 227 -0.31 3.84 6.22
N THR A 228 0.44 4.83 5.75
CA THR A 228 0.38 6.18 6.30
C THR A 228 0.52 7.17 5.15
N LEU A 229 -0.49 8.04 5.02
CA LEU A 229 -0.60 8.92 3.87
C LEU A 229 -0.54 10.39 4.25
N ASN A 230 0.26 11.17 3.53
CA ASN A 230 0.36 12.61 3.80
C ASN A 230 0.24 13.45 2.54
N LEU A 231 -0.49 14.57 2.68
CA LEU A 231 -0.56 15.57 1.62
C LEU A 231 0.66 16.44 1.67
N GLU A 232 1.30 16.61 0.51
CA GLU A 232 2.37 17.57 0.36
C GLU A 232 1.92 18.96 0.83
N GLN A 233 2.66 19.55 1.75
CA GLN A 233 2.38 20.88 2.28
C GLN A 233 3.04 22.01 1.49
N GLY A 234 2.32 23.12 1.32
CA GLY A 234 2.89 24.30 0.69
C GLY A 234 2.78 24.39 -0.83
N LYS A 235 1.98 23.52 -1.43
CA LYS A 235 1.83 23.54 -2.89
C LYS A 235 0.49 24.13 -3.30
N SER A 236 0.40 24.55 -4.56
CA SER A 236 -0.79 25.23 -5.06
C SER A 236 -1.96 24.25 -5.14
N GLN A 237 -3.18 24.77 -5.17
CA GLN A 237 -4.37 23.92 -5.03
C GLN A 237 -4.49 22.89 -6.16
N ASN A 238 -3.87 23.19 -7.29
CA ASN A 238 -3.88 22.27 -8.42
C ASN A 238 -2.66 21.36 -8.38
N GLU A 239 -1.95 21.37 -7.27
CA GLU A 239 -0.81 20.48 -7.16
C GLU A 239 -0.85 19.73 -5.84
N LYS A 240 -1.85 18.86 -5.69
CA LYS A 240 -1.96 18.12 -4.45
C LYS A 240 -1.42 16.71 -4.60
N MET A 241 -0.37 16.44 -3.85
CA MET A 241 0.28 15.12 -3.81
C MET A 241 0.01 14.42 -2.50
N TRP A 242 -0.48 13.18 -2.56
CA TRP A 242 -0.36 12.35 -1.39
C TRP A 242 0.91 11.51 -1.48
N ILE A 243 1.62 11.40 -0.36
CA ILE A 243 2.81 10.56 -0.27
C ILE A 243 2.47 9.39 0.63
N ALA A 244 2.89 8.20 0.25
CA ALA A 244 2.50 7.01 0.98
C ALA A 244 3.69 6.31 1.61
N THR A 245 3.57 5.98 2.90
CA THR A 245 4.59 5.19 3.57
C THR A 245 3.98 3.93 4.16
N SER A 246 4.82 2.92 4.37
CA SER A 246 4.36 1.61 4.77
C SER A 246 5.17 1.17 5.96
N GLU A 247 4.57 0.35 6.82
CA GLU A 247 5.38 -0.43 7.74
C GLU A 247 4.72 -1.71 8.23
N HIS A 248 5.58 -2.60 8.72
CA HIS A 248 5.21 -3.92 9.19
C HIS A 248 4.60 -3.88 10.58
N PRO A 249 3.72 -4.85 10.88
CA PRO A 249 3.26 -4.97 12.26
C PRO A 249 4.40 -5.53 13.10
N GLY A 250 4.38 -5.28 14.41
CA GLY A 250 5.39 -5.80 15.30
C GLY A 250 6.79 -5.33 14.92
N ASP A 251 7.72 -6.26 14.79
CA ASP A 251 9.13 -5.93 14.60
C ASP A 251 9.38 -5.58 13.14
N GLN A 252 9.65 -4.31 12.86
CA GLN A 252 9.78 -3.86 11.48
C GLN A 252 11.10 -4.35 10.91
N ASN A 253 11.96 -4.84 11.80
CA ASN A 253 13.30 -5.26 11.40
C ASN A 253 13.42 -6.76 11.25
N ALA A 254 12.29 -7.47 11.27
CA ALA A 254 12.31 -8.92 11.32
C ALA A 254 12.97 -9.44 10.05
N LYS A 255 13.64 -10.57 10.13
CA LYS A 255 14.35 -11.11 8.98
C LYS A 255 13.38 -11.57 7.90
N LEU A 256 12.16 -11.90 8.32
CA LEU A 256 11.12 -12.34 7.40
C LEU A 256 10.81 -11.27 6.36
N TRP A 257 10.95 -10.01 6.76
CA TRP A 257 10.70 -8.90 5.85
C TRP A 257 11.82 -8.78 4.82
N ILE A 258 11.51 -8.95 3.55
CA ILE A 258 12.48 -8.59 2.52
C ILE A 258 12.68 -7.10 2.68
N LYS A 259 13.92 -6.69 2.95
CA LYS A 259 14.22 -5.28 3.15
C LYS A 259 13.85 -4.49 1.89
N THR A 260 13.34 -3.28 2.07
CA THR A 260 12.91 -2.48 0.92
C THR A 260 13.96 -1.43 0.56
N ALA A 261 13.96 -1.00 -0.70
CA ALA A 261 14.93 -0.01 -1.15
C ALA A 261 14.35 1.40 -1.11
N ASN A 262 15.23 2.38 -1.26
CA ASN A 262 14.83 3.77 -1.37
C ASN A 262 14.96 4.20 -2.82
N THR A 263 14.44 5.38 -3.14
CA THR A 263 14.49 5.86 -4.51
C THR A 263 15.72 6.74 -4.72
N THR A 264 16.30 6.64 -5.92
CA THR A 264 17.43 7.47 -6.31
C THR A 264 17.03 8.93 -6.43
N TYR A 265 15.86 9.17 -7.02
CA TYR A 265 15.42 10.52 -7.36
C TYR A 265 14.89 11.33 -6.17
N SER A 266 14.22 10.67 -5.23
CA SER A 266 13.66 11.39 -4.09
C SER A 266 14.31 11.05 -2.75
N GLY A 267 14.77 9.81 -2.61
CA GLY A 267 15.38 9.39 -1.36
C GLY A 267 14.36 8.82 -0.41
N ARG A 268 13.18 8.49 -0.94
CA ARG A 268 12.12 7.90 -0.13
C ARG A 268 12.02 6.39 -0.31
N PRO A 269 11.43 5.70 0.68
CA PRO A 269 11.26 4.24 0.61
C PRO A 269 10.19 3.84 -0.39
N TYR A 270 10.48 2.80 -1.18
CA TYR A 270 9.48 2.20 -2.04
C TYR A 270 8.39 1.53 -1.22
N LEU A 271 7.18 1.50 -1.78
CA LEU A 271 6.11 0.70 -1.23
C LEU A 271 6.35 -0.66 -1.83
N GLN A 272 6.43 -1.68 -1.00
CA GLN A 272 6.87 -2.98 -1.49
C GLN A 272 5.87 -4.10 -1.22
N VAL A 273 5.67 -4.93 -2.23
CA VAL A 273 4.94 -6.17 -2.09
C VAL A 273 5.71 -7.27 -2.81
N VAL A 274 5.83 -8.43 -2.16
CA VAL A 274 6.48 -9.57 -2.78
C VAL A 274 5.43 -10.50 -3.37
N GLY A 275 5.49 -10.71 -4.68
CA GLY A 275 4.49 -11.51 -5.34
C GLY A 275 4.99 -12.90 -5.66
N PHE A 276 4.15 -13.89 -5.38
CA PHE A 276 4.45 -15.27 -5.77
C PHE A 276 3.61 -15.63 -6.99
N ILE A 277 4.29 -16.04 -8.06
CA ILE A 277 3.66 -16.20 -9.36
C ILE A 277 3.47 -17.67 -9.73
N ASP A 278 2.31 -17.97 -10.33
CA ASP A 278 1.96 -19.33 -10.71
C ASP A 278 2.07 -19.51 -12.21
PT PT B . 4.60 17.27 -4.88
PT PT C . -5.29 17.13 14.87
PT PT D . 15.65 -13.26 -13.43
PT PT E . 13.86 -12.27 -16.46
PT PT F . 9.46 13.78 3.72
#